data_1FXK
#
_entry.id   1FXK
#
_cell.length_a   72.850
_cell.length_b   90.690
_cell.length_c   78.860
_cell.angle_alpha   90.00
_cell.angle_beta   90.00
_cell.angle_gamma   90.00
#
_symmetry.space_group_name_H-M   'P 21 21 2'
#
loop_
_entity.id
_entity.type
_entity.pdbx_description
1 polymer PREFOLDIN
2 polymer PREFOLDIN
3 polymer 'PROTEIN (PREFOLDIN)'
4 water water
#
loop_
_entity_poly.entity_id
_entity_poly.type
_entity_poly.pdbx_seq_one_letter_code
_entity_poly.pdbx_strand_id
1 'polypeptide(L)'
;QNVQHQLAQFQQLQQQAQAISVQKQTVE(MSE)QINETQKALEELSRAADDAEVYKSSGNILIRVAKDELTEELQEKLET
LQLREKTIERQEERV(MSE)KKLQE(MSE)QVNIQEA(MSE)K
;
A
2 'polypeptide(L)'
;NVQHQLAQFQQLQQQAQAISVQKQTVE(MSE)QINETQKALEELSRAADDAEVYKSSGNILIRVAKDELTEELQEKLETL
QLREKTIERQEERV(MSE)KKLQE(MSE)QVNIQEA(MSE)KGAG
;
B
3 'polypeptide(L)'
;AALAEIVAQLNIYQSQVELIQQQMEAVRATISELEILEKTLSDIQGKDGSETLVPVGAGSFIKAELKDTSEVIMSVGAGV
AIKKNFEDAMESIKSQKNELESTLQKMGENLRAITDIMMKLSPQAEELLAAVA
;
C
#
# COMPACT_ATOMS: atom_id res chain seq x y z
N GLN A 1 14.59 -15.88 -29.71
CA GLN A 1 14.57 -16.10 -28.23
C GLN A 1 15.44 -17.31 -27.89
N ASN A 2 16.46 -17.09 -27.07
CA ASN A 2 17.35 -18.19 -26.71
C ASN A 2 16.77 -19.02 -25.56
N VAL A 3 17.25 -20.27 -25.46
CA VAL A 3 16.80 -21.21 -24.44
C VAL A 3 16.79 -20.64 -23.02
N GLN A 4 17.67 -19.69 -22.75
CA GLN A 4 17.73 -19.08 -21.42
C GLN A 4 16.47 -18.27 -21.12
N HIS A 5 16.01 -17.50 -22.10
CA HIS A 5 14.81 -16.69 -21.94
C HIS A 5 13.58 -17.57 -22.13
N GLN A 6 13.73 -18.64 -22.90
CA GLN A 6 12.63 -19.57 -23.13
C GLN A 6 12.31 -20.23 -21.80
N LEU A 7 13.37 -20.59 -21.07
CA LEU A 7 13.23 -21.24 -19.78
C LEU A 7 12.68 -20.26 -18.75
N ALA A 8 12.99 -18.98 -18.92
CA ALA A 8 12.53 -17.96 -18.01
C ALA A 8 11.01 -17.78 -18.14
N GLN A 9 10.50 -17.92 -19.35
CA GLN A 9 9.08 -17.79 -19.60
C GLN A 9 8.38 -19.01 -18.99
N PHE A 10 8.96 -20.17 -19.22
CA PHE A 10 8.39 -21.41 -18.71
C PHE A 10 8.20 -21.33 -17.20
N GLN A 11 9.20 -20.85 -16.49
CA GLN A 11 9.10 -20.73 -15.04
C GLN A 11 8.13 -19.61 -14.64
N GLN A 12 8.02 -18.61 -15.50
CA GLN A 12 7.10 -17.51 -15.25
C GLN A 12 5.70 -18.09 -15.33
N LEU A 13 5.46 -18.91 -16.36
CA LEU A 13 4.18 -19.55 -16.55
C LEU A 13 3.83 -20.45 -15.37
N GLN A 14 4.84 -21.13 -14.83
CA GLN A 14 4.61 -22.01 -13.69
C GLN A 14 4.19 -21.17 -12.50
N GLN A 15 4.67 -19.93 -12.47
CA GLN A 15 4.33 -19.02 -11.39
C GLN A 15 2.85 -18.70 -11.53
N GLN A 16 2.43 -18.41 -12.75
CA GLN A 16 1.04 -18.09 -13.02
C GLN A 16 0.17 -19.28 -12.68
N ALA A 17 0.61 -20.45 -13.13
CA ALA A 17 -0.14 -21.67 -12.88
C ALA A 17 -0.41 -21.90 -11.40
N GLN A 18 0.54 -21.52 -10.54
CA GLN A 18 0.36 -21.71 -9.11
C GLN A 18 -0.54 -20.66 -8.48
N ALA A 19 -0.44 -19.42 -8.96
CA ALA A 19 -1.27 -18.34 -8.44
C ALA A 19 -2.73 -18.60 -8.80
N ILE A 20 -2.96 -19.22 -9.95
CA ILE A 20 -4.30 -19.53 -10.42
C ILE A 20 -4.87 -20.68 -9.60
N SER A 21 -4.00 -21.61 -9.22
CA SER A 21 -4.41 -22.75 -8.42
C SER A 21 -4.84 -22.27 -7.04
N VAL A 22 -4.27 -21.17 -6.59
CA VAL A 22 -4.62 -20.59 -5.29
C VAL A 22 -5.98 -19.86 -5.36
N GLN A 23 -6.26 -19.21 -6.48
CA GLN A 23 -7.54 -18.52 -6.66
C GLN A 23 -8.62 -19.58 -6.70
N LYS A 24 -8.31 -20.68 -7.38
CA LYS A 24 -9.25 -21.79 -7.55
C LYS A 24 -9.70 -22.38 -6.20
N GLN A 25 -8.76 -22.52 -5.28
CA GLN A 25 -9.06 -23.07 -3.96
C GLN A 25 -9.90 -22.07 -3.15
N THR A 26 -9.61 -20.79 -3.31
CA THR A 26 -10.34 -19.76 -2.60
C THR A 26 -11.81 -19.64 -3.04
N VAL A 27 -12.03 -19.62 -4.35
CA VAL A 27 -13.39 -19.50 -4.86
C VAL A 27 -14.18 -20.73 -4.47
N GLU A 28 -13.55 -21.91 -4.50
CA GLU A 28 -14.26 -23.13 -4.11
C GLU A 28 -14.68 -23.02 -2.66
N MSE A 29 -13.78 -22.48 -1.85
CA MSE A 29 -14.07 -22.29 -0.45
C MSE A 29 -15.23 -21.30 -0.30
O MSE A 29 -16.16 -21.54 0.46
CB MSE A 29 -12.84 -21.75 0.26
CG MSE A 29 -13.03 -21.56 1.74
SE MSE A 29 -11.54 -20.61 2.49
CE MSE A 29 -12.17 -18.79 2.13
N GLN A 30 -15.17 -20.20 -1.03
CA GLN A 30 -16.22 -19.20 -0.94
C GLN A 30 -17.58 -19.72 -1.43
N ILE A 31 -17.56 -20.63 -2.40
CA ILE A 31 -18.80 -21.19 -2.96
C ILE A 31 -19.43 -22.09 -1.90
N ASN A 32 -18.63 -22.96 -1.30
CA ASN A 32 -19.14 -23.83 -0.25
C ASN A 32 -19.72 -23.04 0.92
N GLU A 33 -19.05 -21.98 1.36
CA GLU A 33 -19.58 -21.19 2.46
C GLU A 33 -20.89 -20.50 2.11
N THR A 34 -21.01 -20.10 0.84
CA THR A 34 -22.23 -19.43 0.42
C THR A 34 -23.38 -20.44 0.35
N GLN A 35 -23.11 -21.63 -0.18
CA GLN A 35 -24.16 -22.64 -0.25
C GLN A 35 -24.60 -23.06 1.17
N LYS A 36 -23.66 -23.08 2.12
CA LYS A 36 -24.03 -23.43 3.49
C LYS A 36 -25.01 -22.39 4.06
N ALA A 37 -24.65 -21.12 3.89
CA ALA A 37 -25.50 -20.06 4.38
C ALA A 37 -26.87 -20.17 3.74
N LEU A 38 -26.92 -20.46 2.44
CA LEU A 38 -28.20 -20.60 1.76
C LEU A 38 -29.01 -21.75 2.36
N GLU A 39 -28.33 -22.83 2.71
CA GLU A 39 -28.99 -24.00 3.31
C GLU A 39 -29.64 -23.61 4.65
N GLU A 40 -28.83 -23.04 5.54
CA GLU A 40 -29.32 -22.61 6.86
C GLU A 40 -30.50 -21.65 6.70
N LEU A 41 -30.39 -20.71 5.76
CA LEU A 41 -31.48 -19.76 5.57
C LEU A 41 -32.78 -20.41 5.16
N SER A 42 -32.71 -21.41 4.27
CA SER A 42 -33.91 -22.09 3.80
C SER A 42 -34.73 -22.67 4.95
N ARG A 43 -34.04 -23.08 6.02
CA ARG A 43 -34.69 -23.66 7.19
C ARG A 43 -35.41 -22.63 8.07
N ALA A 44 -34.83 -21.43 8.17
CA ALA A 44 -35.41 -20.41 9.03
C ALA A 44 -36.73 -19.84 8.57
N ALA A 45 -37.48 -19.32 9.54
CA ALA A 45 -38.76 -18.70 9.28
C ALA A 45 -38.54 -17.34 8.61
N ASP A 46 -39.53 -16.88 7.85
CA ASP A 46 -39.45 -15.61 7.14
C ASP A 46 -39.14 -14.39 7.98
N ASP A 47 -39.49 -14.43 9.26
CA ASP A 47 -39.22 -13.31 10.14
C ASP A 47 -37.98 -13.57 10.98
N ALA A 48 -37.19 -14.57 10.61
CA ALA A 48 -35.98 -14.90 11.35
C ALA A 48 -35.07 -13.69 11.56
N GLU A 49 -34.32 -13.73 12.65
CA GLU A 49 -33.38 -12.67 12.98
C GLU A 49 -32.04 -13.15 12.39
N VAL A 50 -31.57 -12.46 11.34
CA VAL A 50 -30.33 -12.82 10.66
C VAL A 50 -29.50 -11.58 10.40
N TYR A 51 -28.19 -11.74 10.43
CA TYR A 51 -27.30 -10.63 10.18
C TYR A 51 -26.32 -11.07 9.11
N LYS A 52 -25.97 -10.16 8.20
CA LYS A 52 -24.98 -10.50 7.19
C LYS A 52 -23.70 -9.75 7.52
N SER A 53 -22.59 -10.36 7.15
CA SER A 53 -21.28 -9.82 7.41
C SER A 53 -20.90 -8.78 6.34
N SER A 54 -20.38 -7.64 6.79
CA SER A 54 -19.97 -6.57 5.86
C SER A 54 -18.76 -5.86 6.46
N GLY A 55 -17.62 -6.53 6.36
CA GLY A 55 -16.37 -5.98 6.88
C GLY A 55 -16.26 -5.96 8.39
N ASN A 56 -16.26 -4.77 8.96
CA ASN A 56 -16.15 -4.60 10.42
C ASN A 56 -17.48 -4.69 11.17
N ILE A 57 -18.59 -4.92 10.49
CA ILE A 57 -19.88 -5.00 11.18
C ILE A 57 -20.77 -6.07 10.58
N LEU A 58 -21.84 -6.42 11.31
CA LEU A 58 -22.81 -7.37 10.82
C LEU A 58 -24.05 -6.51 10.74
N ILE A 59 -24.82 -6.67 9.67
CA ILE A 59 -26.04 -5.89 9.47
C ILE A 59 -27.26 -6.77 9.48
N ARG A 60 -28.25 -6.41 10.28
CA ARG A 60 -29.47 -7.21 10.32
C ARG A 60 -30.25 -6.97 9.02
N VAL A 61 -30.75 -8.03 8.42
CA VAL A 61 -31.50 -7.93 7.17
C VAL A 61 -32.58 -9.00 7.14
N ALA A 62 -33.65 -8.77 6.40
CA ALA A 62 -34.72 -9.76 6.30
C ALA A 62 -34.22 -10.99 5.55
N LYS A 63 -34.74 -12.15 5.92
CA LYS A 63 -34.35 -13.40 5.28
C LYS A 63 -34.51 -13.40 3.74
N ASP A 64 -35.61 -12.85 3.24
CA ASP A 64 -35.78 -12.89 1.80
C ASP A 64 -34.76 -12.03 1.07
N GLU A 65 -34.49 -10.83 1.58
CA GLU A 65 -33.50 -9.95 0.96
C GLU A 65 -32.12 -10.64 0.95
N LEU A 66 -31.74 -11.24 2.08
CA LEU A 66 -30.45 -11.92 2.19
C LEU A 66 -30.36 -13.13 1.28
N THR A 67 -31.46 -13.85 1.13
CA THR A 67 -31.48 -15.03 0.25
C THR A 67 -31.18 -14.61 -1.18
N GLU A 68 -31.76 -13.52 -1.65
CA GLU A 68 -31.53 -13.07 -3.02
C GLU A 68 -30.07 -12.60 -3.21
N GLU A 69 -29.54 -11.91 -2.21
CA GLU A 69 -28.17 -11.45 -2.27
C GLU A 69 -27.21 -12.64 -2.30
N LEU A 70 -27.44 -13.64 -1.44
CA LEU A 70 -26.57 -14.80 -1.42
C LEU A 70 -26.69 -15.61 -2.73
N GLN A 71 -27.89 -15.65 -3.30
CA GLN A 71 -28.08 -16.36 -4.56
C GLN A 71 -27.24 -15.69 -5.66
N GLU A 72 -27.29 -14.36 -5.71
CA GLU A 72 -26.53 -13.62 -6.70
C GLU A 72 -25.05 -13.82 -6.46
N LYS A 73 -24.65 -13.79 -5.18
CA LYS A 73 -23.25 -13.97 -4.87
C LYS A 73 -22.80 -15.35 -5.32
N LEU A 74 -23.60 -16.37 -5.03
CA LEU A 74 -23.28 -17.74 -5.44
C LEU A 74 -23.11 -17.83 -6.97
N GLU A 75 -24.03 -17.21 -7.70
CA GLU A 75 -23.93 -17.26 -9.16
C GLU A 75 -22.68 -16.56 -9.72
N THR A 76 -22.31 -15.43 -9.13
CA THR A 76 -21.14 -14.71 -9.55
C THR A 76 -19.90 -15.57 -9.23
N LEU A 77 -19.89 -16.21 -8.07
CA LEU A 77 -18.74 -17.06 -7.70
C LEU A 77 -18.63 -18.29 -8.62
N GLN A 78 -19.74 -18.93 -8.94
CA GLN A 78 -19.68 -20.09 -9.83
C GLN A 78 -19.18 -19.65 -11.22
N LEU A 79 -19.56 -18.47 -11.68
CA LEU A 79 -19.05 -18.03 -12.97
C LEU A 79 -17.53 -17.78 -12.82
N ARG A 80 -17.14 -17.24 -11.69
CA ARG A 80 -15.74 -16.93 -11.40
C ARG A 80 -14.93 -18.24 -11.44
N GLU A 81 -15.45 -19.27 -10.80
CA GLU A 81 -14.78 -20.57 -10.79
C GLU A 81 -14.63 -21.11 -12.22
N LYS A 82 -15.65 -20.90 -13.04
CA LYS A 82 -15.62 -21.37 -14.43
C LYS A 82 -14.52 -20.62 -15.19
N THR A 83 -14.40 -19.32 -14.95
CA THR A 83 -13.39 -18.50 -15.61
C THR A 83 -11.98 -18.95 -15.23
N ILE A 84 -11.78 -19.17 -13.94
CA ILE A 84 -10.50 -19.61 -13.39
C ILE A 84 -10.04 -20.94 -14.02
N GLU A 85 -10.96 -21.87 -14.16
CA GLU A 85 -10.63 -23.18 -14.74
C GLU A 85 -10.28 -23.07 -16.21
N ARG A 86 -10.92 -22.15 -16.91
CA ARG A 86 -10.62 -21.97 -18.32
C ARG A 86 -9.21 -21.33 -18.43
N GLN A 87 -8.87 -20.44 -17.51
CA GLN A 87 -7.56 -19.80 -17.55
C GLN A 87 -6.49 -20.81 -17.18
N GLU A 88 -6.82 -21.68 -16.24
CA GLU A 88 -5.91 -22.70 -15.79
C GLU A 88 -5.55 -23.58 -16.99
N GLU A 89 -6.55 -23.94 -17.78
CA GLU A 89 -6.28 -24.77 -18.94
C GLU A 89 -5.43 -24.03 -19.97
N ARG A 90 -5.64 -22.73 -20.12
CA ARG A 90 -4.84 -21.97 -21.08
C ARG A 90 -3.37 -21.98 -20.70
N VAL A 91 -3.07 -21.80 -19.41
CA VAL A 91 -1.70 -21.77 -18.94
C VAL A 91 -1.05 -23.16 -19.06
N MSE A 92 -1.81 -24.20 -18.76
CA MSE A 92 -1.30 -25.56 -18.86
C MSE A 92 -0.88 -25.79 -20.31
O MSE A 92 0.18 -26.35 -20.58
CB MSE A 92 -2.37 -26.59 -18.46
CG MSE A 92 -2.86 -26.50 -17.01
SE MSE A 92 -1.60 -27.16 -15.67
CE MSE A 92 -0.61 -25.52 -15.33
N LYS A 93 -1.74 -25.36 -21.24
CA LYS A 93 -1.44 -25.52 -22.65
C LYS A 93 -0.16 -24.78 -22.99
N LYS A 94 -0.05 -23.53 -22.56
CA LYS A 94 1.16 -22.79 -22.85
C LYS A 94 2.40 -23.41 -22.20
N LEU A 95 2.24 -24.04 -21.04
CA LEU A 95 3.37 -24.68 -20.40
C LEU A 95 3.87 -25.83 -21.26
N GLN A 96 2.97 -26.74 -21.66
CA GLN A 96 3.41 -27.85 -22.48
C GLN A 96 4.00 -27.39 -23.79
N GLU A 97 3.44 -26.33 -24.37
CA GLU A 97 3.97 -25.81 -25.62
C GLU A 97 5.37 -25.24 -25.44
N MSE A 98 5.61 -24.59 -24.30
CA MSE A 98 6.91 -24.00 -24.05
C MSE A 98 7.97 -25.05 -23.72
O MSE A 98 9.15 -24.87 -24.01
CB MSE A 98 6.84 -22.96 -22.93
CG MSE A 98 8.14 -22.20 -22.69
SE MSE A 98 8.83 -21.25 -24.27
CE MSE A 98 7.68 -19.69 -24.21
N GLN A 99 7.54 -26.16 -23.14
CA GLN A 99 8.50 -27.21 -22.81
C GLN A 99 8.95 -27.91 -24.08
N VAL A 100 8.05 -27.99 -25.06
CA VAL A 100 8.37 -28.62 -26.33
C VAL A 100 9.29 -27.71 -27.14
N ASN A 101 9.05 -26.41 -27.08
CA ASN A 101 9.89 -25.49 -27.82
C ASN A 101 11.27 -25.43 -27.17
N ILE A 102 11.38 -25.97 -25.96
CA ILE A 102 12.65 -25.98 -25.23
C ILE A 102 13.40 -27.27 -25.47
N GLN A 103 12.68 -28.39 -25.56
CA GLN A 103 13.31 -29.67 -25.80
C GLN A 103 13.88 -29.73 -27.22
N GLU A 104 13.21 -29.06 -28.14
CA GLU A 104 13.67 -29.06 -29.53
C GLU A 104 14.73 -28.00 -29.79
N ALA A 105 14.96 -27.15 -28.81
CA ALA A 105 15.97 -26.11 -28.95
C ALA A 105 17.25 -26.64 -28.32
N MSE A 106 17.14 -27.70 -27.52
CA MSE A 106 18.28 -28.30 -26.86
C MSE A 106 18.94 -29.36 -27.72
O MSE A 106 19.88 -30.02 -27.28
CB MSE A 106 17.87 -28.91 -25.52
CG MSE A 106 17.42 -27.91 -24.45
SE MSE A 106 17.34 -28.69 -22.67
CE MSE A 106 16.21 -30.21 -23.08
N LYS A 107 18.44 -29.54 -28.93
CA LYS A 107 19.00 -30.54 -29.84
C LYS A 107 18.34 -30.51 -31.21
N ASN B 1 46.93 20.69 16.75
CA ASN B 1 46.65 19.26 16.41
C ASN B 1 45.85 19.24 15.11
N VAL B 2 46.23 18.36 14.20
CA VAL B 2 45.52 18.26 12.94
C VAL B 2 44.46 17.18 13.06
N GLN B 3 44.67 16.25 13.98
CA GLN B 3 43.74 15.16 14.20
C GLN B 3 42.51 15.61 14.98
N HIS B 4 42.62 16.76 15.64
CA HIS B 4 41.53 17.33 16.41
C HIS B 4 40.60 18.07 15.46
N GLN B 5 41.16 18.49 14.32
CA GLN B 5 40.39 19.21 13.32
C GLN B 5 39.66 18.23 12.41
N LEU B 6 40.22 17.03 12.29
CA LEU B 6 39.58 16.00 11.47
C LEU B 6 38.31 15.58 12.18
N ALA B 7 38.42 15.38 13.49
CA ALA B 7 37.29 14.96 14.30
C ALA B 7 36.18 16.01 14.22
N GLN B 8 36.52 17.28 14.42
CA GLN B 8 35.56 18.38 14.36
C GLN B 8 34.91 18.45 12.98
N PHE B 9 35.70 18.18 11.96
CA PHE B 9 35.22 18.18 10.60
C PHE B 9 34.25 17.02 10.42
N GLN B 10 34.55 15.91 11.08
CA GLN B 10 33.69 14.74 10.96
C GLN B 10 32.43 14.88 11.80
N GLN B 11 32.54 15.52 12.95
CA GLN B 11 31.39 15.72 13.80
C GLN B 11 30.44 16.65 13.06
N LEU B 12 31.01 17.60 12.32
CA LEU B 12 30.20 18.55 11.57
C LEU B 12 29.54 17.90 10.36
N GLN B 13 30.12 16.82 9.84
CA GLN B 13 29.54 16.10 8.70
C GLN B 13 28.29 15.35 9.16
N GLN B 14 28.32 14.87 10.40
CA GLN B 14 27.20 14.16 10.94
C GLN B 14 26.06 15.12 11.24
N GLN B 15 26.42 16.31 11.71
CA GLN B 15 25.42 17.32 11.99
C GLN B 15 24.71 17.63 10.67
N ALA B 16 25.48 17.80 9.60
CA ALA B 16 24.92 18.10 8.30
C ALA B 16 23.92 17.01 7.91
N GLN B 17 24.23 15.78 8.32
CA GLN B 17 23.38 14.64 8.02
C GLN B 17 22.11 14.72 8.89
N ALA B 18 22.29 15.06 10.15
CA ALA B 18 21.16 15.17 11.08
C ALA B 18 20.20 16.23 10.57
N ILE B 19 20.72 17.43 10.33
CA ILE B 19 19.94 18.55 9.83
C ILE B 19 19.20 18.15 8.56
N SER B 20 19.83 17.31 7.76
CA SER B 20 19.24 16.86 6.51
C SER B 20 17.98 16.05 6.78
N VAL B 21 18.03 15.28 7.86
CA VAL B 21 16.91 14.45 8.28
C VAL B 21 15.78 15.32 8.84
N GLN B 22 16.13 16.33 9.64
CA GLN B 22 15.11 17.22 10.20
C GLN B 22 14.36 17.88 9.05
N LYS B 23 15.10 18.25 8.02
CA LYS B 23 14.51 18.89 6.86
C LYS B 23 13.52 17.97 6.14
N GLN B 24 13.90 16.70 5.97
CA GLN B 24 12.98 15.76 5.32
C GLN B 24 11.71 15.59 6.16
N THR B 25 11.87 15.58 7.49
CA THR B 25 10.75 15.41 8.41
C THR B 25 9.81 16.60 8.34
N VAL B 26 10.36 17.81 8.42
CA VAL B 26 9.53 19.00 8.35
C VAL B 26 8.78 19.07 7.02
N GLU B 27 9.42 18.68 5.93
CA GLU B 27 8.78 18.71 4.63
C GLU B 27 7.59 17.79 4.59
N MSE B 28 7.72 16.64 5.25
CA MSE B 28 6.62 15.67 5.29
C MSE B 28 5.43 16.23 6.07
O MSE B 28 4.28 16.07 5.65
CB MSE B 28 7.10 14.37 5.94
CG MSE B 28 6.77 13.14 5.11
SE MSE B 28 7.64 13.13 3.34
CE MSE B 28 6.18 13.83 2.25
N GLN B 29 5.69 16.90 7.20
CA GLN B 29 4.64 17.46 8.01
C GLN B 29 3.96 18.61 7.25
N ILE B 30 4.71 19.27 6.38
CA ILE B 30 4.16 20.36 5.59
C ILE B 30 3.20 19.78 4.54
N ASN B 31 3.62 18.71 3.87
CA ASN B 31 2.76 18.07 2.86
C ASN B 31 1.43 17.59 3.47
N GLU B 32 1.54 16.98 4.64
CA GLU B 32 0.37 16.46 5.34
C GLU B 32 -0.57 17.57 5.80
N THR B 33 -0.03 18.67 6.29
CA THR B 33 -0.85 19.79 6.71
C THR B 33 -1.55 20.39 5.48
N GLN B 34 -0.80 20.53 4.39
CA GLN B 34 -1.35 21.08 3.16
C GLN B 34 -2.49 20.22 2.62
N LYS B 35 -2.29 18.92 2.67
CA LYS B 35 -3.29 17.97 2.18
C LYS B 35 -4.56 18.14 3.00
N ALA B 36 -4.42 18.25 4.32
CA ALA B 36 -5.60 18.43 5.16
C ALA B 36 -6.29 19.78 4.90
N LEU B 37 -5.53 20.85 4.72
CA LEU B 37 -6.12 22.17 4.45
C LEU B 37 -6.85 22.18 3.11
N GLU B 38 -6.33 21.44 2.13
CA GLU B 38 -6.97 21.33 0.83
C GLU B 38 -8.35 20.65 0.99
N GLU B 39 -8.39 19.56 1.76
CA GLU B 39 -9.65 18.86 2.00
C GLU B 39 -10.67 19.77 2.66
N LEU B 40 -10.23 20.47 3.71
CA LEU B 40 -11.10 21.38 4.43
C LEU B 40 -11.68 22.50 3.56
N SER B 41 -10.90 23.02 2.60
CA SER B 41 -11.41 24.10 1.76
C SER B 41 -12.43 23.64 0.70
N ARG B 42 -12.39 22.37 0.34
CA ARG B 42 -13.33 21.82 -0.62
C ARG B 42 -14.65 21.44 0.04
N ALA B 43 -14.63 21.30 1.36
CA ALA B 43 -15.83 20.94 2.10
C ALA B 43 -16.64 22.22 2.24
N ALA B 44 -17.94 22.10 2.44
CA ALA B 44 -18.77 23.28 2.57
C ALA B 44 -18.49 24.01 3.87
N ASP B 45 -18.88 25.28 3.91
CA ASP B 45 -18.65 26.09 5.09
C ASP B 45 -19.32 25.53 6.34
N ASP B 46 -20.35 24.71 6.18
CA ASP B 46 -20.99 24.17 7.38
C ASP B 46 -20.73 22.68 7.57
N ALA B 47 -19.69 22.18 6.92
CA ALA B 47 -19.31 20.78 7.04
C ALA B 47 -18.96 20.49 8.50
N GLU B 48 -19.24 19.28 8.96
CA GLU B 48 -18.89 18.95 10.33
C GLU B 48 -17.49 18.37 10.30
N VAL B 49 -16.57 19.00 11.03
CA VAL B 49 -15.19 18.56 11.06
C VAL B 49 -14.77 18.19 12.47
N TYR B 50 -13.79 17.31 12.57
CA TYR B 50 -13.34 16.81 13.85
C TYR B 50 -11.84 16.84 13.99
N LYS B 51 -11.39 16.86 15.23
CA LYS B 51 -9.96 16.88 15.52
C LYS B 51 -9.66 15.70 16.44
N SER B 52 -8.64 14.92 16.11
CA SER B 52 -8.29 13.82 16.99
C SER B 52 -7.12 14.27 17.87
N SER B 53 -7.22 13.99 19.16
CA SER B 53 -6.12 14.33 20.07
C SER B 53 -5.93 13.14 20.98
N GLY B 54 -4.99 12.29 20.61
CA GLY B 54 -4.76 11.12 21.41
C GLY B 54 -5.88 10.14 21.17
N ASN B 55 -6.52 9.72 22.25
CA ASN B 55 -7.61 8.76 22.17
C ASN B 55 -8.97 9.38 22.03
N ILE B 56 -9.04 10.70 21.90
CA ILE B 56 -10.34 11.31 21.75
C ILE B 56 -10.50 11.99 20.39
N LEU B 57 -11.76 12.15 20.00
CA LEU B 57 -12.13 12.79 18.75
C LEU B 57 -13.14 13.85 19.15
N ILE B 58 -12.91 15.10 18.74
CA ILE B 58 -13.87 16.13 19.13
C ILE B 58 -14.30 17.01 17.97
N ARG B 59 -15.60 17.33 17.93
CA ARG B 59 -16.09 18.17 16.86
C ARG B 59 -15.64 19.61 17.13
N VAL B 60 -15.10 20.27 16.10
CA VAL B 60 -14.64 21.66 16.26
C VAL B 60 -15.13 22.54 15.10
N ALA B 61 -15.35 23.82 15.37
CA ALA B 61 -15.81 24.73 14.31
C ALA B 61 -14.79 24.68 13.18
N LYS B 62 -15.27 24.59 11.95
CA LYS B 62 -14.38 24.50 10.82
C LYS B 62 -13.47 25.72 10.63
N ASP B 63 -13.97 26.91 10.95
CA ASP B 63 -13.15 28.08 10.77
C ASP B 63 -12.02 28.12 11.80
N GLU B 64 -12.27 27.66 13.03
CA GLU B 64 -11.17 27.63 14.02
C GLU B 64 -10.15 26.56 13.64
N LEU B 65 -10.65 25.43 13.14
CA LEU B 65 -9.77 24.32 12.77
C LEU B 65 -8.86 24.73 11.60
N THR B 66 -9.44 25.44 10.63
CA THR B 66 -8.68 25.89 9.46
C THR B 66 -7.57 26.83 9.93
N GLU B 67 -7.92 27.81 10.76
CA GLU B 67 -6.91 28.76 11.27
C GLU B 67 -5.77 28.05 12.03
N GLU B 68 -6.13 27.02 12.79
CA GLU B 68 -5.17 26.26 13.56
C GLU B 68 -4.18 25.56 12.61
N LEU B 69 -4.68 24.92 11.56
CA LEU B 69 -3.79 24.27 10.62
C LEU B 69 -2.96 25.32 9.85
N GLN B 70 -3.57 26.45 9.51
CA GLN B 70 -2.83 27.50 8.78
C GLN B 70 -1.60 27.93 9.59
N GLU B 71 -1.77 28.14 10.89
CA GLU B 71 -0.69 28.57 11.78
C GLU B 71 0.39 27.50 11.84
N LYS B 72 -0.02 26.24 11.96
CA LYS B 72 0.94 25.16 11.98
C LYS B 72 1.67 25.11 10.63
N LEU B 73 0.93 25.24 9.54
CA LEU B 73 1.56 25.23 8.22
C LEU B 73 2.62 26.34 8.15
N GLU B 74 2.22 27.57 8.46
CA GLU B 74 3.14 28.71 8.39
C GLU B 74 4.36 28.62 9.32
N THR B 75 4.19 28.05 10.50
CA THR B 75 5.29 27.90 11.42
C THR B 75 6.27 26.83 10.88
N LEU B 76 5.74 25.79 10.25
CA LEU B 76 6.58 24.73 9.70
C LEU B 76 7.38 25.25 8.49
N GLN B 77 6.76 26.10 7.68
CA GLN B 77 7.46 26.65 6.52
C GLN B 77 8.61 27.56 6.96
N LEU B 78 8.36 28.37 7.99
CA LEU B 78 9.39 29.22 8.51
C LEU B 78 10.51 28.30 9.04
N ARG B 79 10.14 27.22 9.71
CA ARG B 79 11.13 26.29 10.24
C ARG B 79 11.98 25.71 9.12
N GLU B 80 11.33 25.32 8.03
CA GLU B 80 12.05 24.76 6.90
C GLU B 80 13.10 25.75 6.36
N LYS B 81 12.73 27.03 6.27
CA LYS B 81 13.64 28.07 5.79
C LYS B 81 14.79 28.29 6.75
N THR B 82 14.51 28.19 8.04
CA THR B 82 15.55 28.35 9.05
C THR B 82 16.55 27.20 8.94
N ILE B 83 16.03 26.01 8.66
CA ILE B 83 16.84 24.82 8.53
C ILE B 83 17.78 24.91 7.32
N GLU B 84 17.25 25.35 6.19
CA GLU B 84 18.06 25.47 4.99
C GLU B 84 19.16 26.50 5.20
N ARG B 85 18.85 27.56 5.95
CA ARG B 85 19.84 28.59 6.23
C ARG B 85 20.95 28.01 7.13
N GLN B 86 20.59 27.15 8.08
CA GLN B 86 21.57 26.53 8.95
C GLN B 86 22.39 25.55 8.12
N GLU B 87 21.74 24.94 7.15
CA GLU B 87 22.35 23.97 6.26
C GLU B 87 23.50 24.61 5.47
N GLU B 88 23.24 25.76 4.87
CA GLU B 88 24.24 26.46 4.09
C GLU B 88 25.43 26.88 4.95
N ARG B 89 25.17 27.38 6.15
CA ARG B 89 26.25 27.80 7.03
C ARG B 89 27.16 26.60 7.32
N VAL B 90 26.55 25.47 7.63
CA VAL B 90 27.28 24.26 7.95
C VAL B 90 28.12 23.82 6.75
N MSE B 91 27.53 23.84 5.57
CA MSE B 91 28.26 23.43 4.38
C MSE B 91 29.47 24.35 4.15
O MSE B 91 30.56 23.87 3.79
CB MSE B 91 27.33 23.46 3.17
CG MSE B 91 27.93 22.89 1.92
SE MSE B 91 27.76 24.14 0.49
CE MSE B 91 26.06 23.56 -0.26
N LYS B 92 29.30 25.66 4.36
CA LYS B 92 30.37 26.61 4.20
C LYS B 92 31.43 26.37 5.27
N LYS B 93 31.00 26.21 6.51
CA LYS B 93 31.94 25.96 7.58
C LYS B 93 32.67 24.66 7.31
N LEU B 94 32.00 23.77 6.57
CA LEU B 94 32.58 22.49 6.24
C LEU B 94 33.66 22.66 5.16
N GLN B 95 33.27 23.17 3.99
CA GLN B 95 34.21 23.38 2.90
C GLN B 95 35.40 24.17 3.42
N GLU B 96 35.12 24.98 4.43
CA GLU B 96 36.15 25.80 5.05
C GLU B 96 37.11 24.90 5.81
N MSE B 97 36.67 24.38 6.95
CA MSE B 97 37.49 23.52 7.80
C MSE B 97 38.28 22.47 7.00
O MSE B 97 39.33 22.00 7.43
CB MSE B 97 36.60 22.81 8.84
CG MSE B 97 37.35 21.88 9.81
SE MSE B 97 38.50 22.74 11.15
CE MSE B 97 37.45 22.34 12.73
N GLN B 98 37.76 22.11 5.83
CA GLN B 98 38.45 21.14 4.98
C GLN B 98 39.74 21.77 4.50
N VAL B 99 39.63 23.03 4.08
CA VAL B 99 40.77 23.80 3.60
C VAL B 99 41.81 23.93 4.69
N ASN B 100 41.36 24.26 5.90
CA ASN B 100 42.27 24.43 7.04
C ASN B 100 43.05 23.15 7.34
N ILE B 101 42.56 22.04 6.82
CA ILE B 101 43.23 20.77 7.02
C ILE B 101 44.05 20.47 5.77
N GLN B 102 43.48 20.75 4.61
CA GLN B 102 44.15 20.52 3.33
C GLN B 102 45.45 21.28 3.21
N GLU B 103 45.86 21.97 4.26
CA GLU B 103 47.10 22.71 4.21
C GLU B 103 47.87 22.64 5.52
N ALA B 104 47.14 22.53 6.64
CA ALA B 104 47.81 22.42 7.93
C ALA B 104 48.59 21.11 7.91
N MSE B 105 48.23 20.23 6.97
CA MSE B 105 48.89 18.93 6.84
C MSE B 105 50.32 19.09 6.36
O MSE B 105 51.21 18.40 6.83
CB MSE B 105 48.12 18.03 5.88
CG MSE B 105 46.76 17.61 6.37
SE MSE B 105 46.12 16.01 5.51
CE MSE B 105 45.49 16.74 3.83
N LYS B 106 50.52 19.99 5.40
CA LYS B 106 51.84 20.25 4.87
C LYS B 106 52.63 20.93 5.99
N GLY B 107 52.36 20.47 7.21
CA GLY B 107 52.97 20.98 8.43
C GLY B 107 54.38 21.53 8.42
N ALA B 108 54.49 22.84 8.67
CA ALA B 108 55.77 23.54 8.69
C ALA B 108 56.52 23.45 7.38
N GLY B 109 57.02 24.59 6.91
CA GLY B 109 57.75 24.63 5.66
C GLY B 109 56.86 25.02 4.49
N ALA C 1 38.13 -14.53 -11.22
CA ALA C 1 38.68 -13.33 -10.53
C ALA C 1 37.62 -12.25 -10.34
N ALA C 2 37.09 -11.74 -11.45
CA ALA C 2 36.06 -10.71 -11.42
C ALA C 2 34.68 -11.34 -11.29
N LEU C 3 34.67 -12.60 -10.85
CA LEU C 3 33.43 -13.34 -10.68
C LEU C 3 32.68 -12.86 -9.43
N ALA C 4 33.42 -12.68 -8.34
CA ALA C 4 32.83 -12.21 -7.09
C ALA C 4 32.13 -10.87 -7.24
N GLU C 5 32.63 -10.04 -8.17
CA GLU C 5 32.04 -8.72 -8.40
C GLU C 5 30.58 -8.88 -8.86
N ILE C 6 30.33 -9.92 -9.65
CA ILE C 6 29.00 -10.20 -10.17
C ILE C 6 28.17 -10.98 -9.14
N VAL C 7 28.72 -12.08 -8.65
CA VAL C 7 28.04 -12.91 -7.67
C VAL C 7 27.66 -12.08 -6.44
N ALA C 8 28.23 -10.88 -6.36
CA ALA C 8 27.96 -9.98 -5.23
C ALA C 8 26.85 -8.98 -5.54
N GLN C 9 26.89 -8.37 -6.72
CA GLN C 9 25.86 -7.40 -7.08
C GLN C 9 24.51 -8.03 -7.37
N LEU C 10 24.50 -9.28 -7.83
CA LEU C 10 23.23 -9.95 -8.10
C LEU C 10 22.46 -10.10 -6.79
N ASN C 11 23.09 -9.67 -5.69
CA ASN C 11 22.47 -9.74 -4.38
C ASN C 11 21.83 -8.39 -4.06
N ILE C 12 22.55 -7.31 -4.32
CA ILE C 12 22.02 -5.98 -4.06
C ILE C 12 20.76 -5.78 -4.91
N TYR C 13 20.60 -6.67 -5.90
CA TYR C 13 19.45 -6.65 -6.80
C TYR C 13 18.40 -7.63 -6.29
N GLN C 14 18.86 -8.74 -5.73
CA GLN C 14 17.98 -9.76 -5.18
C GLN C 14 17.47 -9.28 -3.82
N SER C 15 18.15 -8.26 -3.28
CA SER C 15 17.79 -7.68 -1.99
C SER C 15 16.92 -6.45 -2.22
N GLN C 16 16.73 -6.12 -3.49
CA GLN C 16 15.92 -4.97 -3.88
C GLN C 16 14.66 -5.46 -4.58
N VAL C 17 14.72 -6.66 -5.13
CA VAL C 17 13.57 -7.23 -5.81
C VAL C 17 12.56 -7.61 -4.73
N GLU C 18 13.04 -8.30 -3.71
CA GLU C 18 12.19 -8.75 -2.61
C GLU C 18 11.62 -7.57 -1.81
N LEU C 19 12.33 -6.46 -1.77
CA LEU C 19 11.85 -5.28 -1.04
C LEU C 19 10.65 -4.66 -1.75
N ILE C 20 10.75 -4.58 -3.08
CA ILE C 20 9.67 -4.02 -3.88
C ILE C 20 8.46 -4.96 -3.85
N GLN C 21 8.72 -6.27 -3.86
CA GLN C 21 7.64 -7.25 -3.82
C GLN C 21 6.87 -7.06 -2.52
N GLN C 22 7.58 -6.67 -1.47
CA GLN C 22 6.98 -6.43 -0.16
C GLN C 22 6.13 -5.16 -0.19
N GLN C 23 6.72 -4.07 -0.66
CA GLN C 23 6.01 -2.79 -0.74
C GLN C 23 4.76 -2.86 -1.60
N MET C 24 4.79 -3.74 -2.61
CA MET C 24 3.66 -3.91 -3.51
C MET C 24 2.51 -4.62 -2.76
N GLU C 25 2.88 -5.47 -1.81
CA GLU C 25 1.88 -6.18 -1.03
C GLU C 25 1.18 -5.19 -0.11
N ALA C 26 1.95 -4.36 0.58
CA ALA C 26 1.37 -3.37 1.46
C ALA C 26 0.33 -2.59 0.67
N VAL C 27 0.72 -2.15 -0.53
CA VAL C 27 -0.20 -1.39 -1.35
C VAL C 27 -1.46 -2.20 -1.67
N ARG C 28 -1.29 -3.47 -1.99
CA ARG C 28 -2.44 -4.33 -2.30
C ARG C 28 -3.30 -4.45 -1.04
N ALA C 29 -2.63 -4.52 0.10
CA ALA C 29 -3.33 -4.64 1.37
C ALA C 29 -4.21 -3.42 1.59
N THR C 30 -3.66 -2.23 1.34
CA THR C 30 -4.41 -1.00 1.50
C THR C 30 -5.61 -0.96 0.56
N ILE C 31 -5.41 -1.40 -0.67
CA ILE C 31 -6.47 -1.41 -1.66
C ILE C 31 -7.60 -2.32 -1.19
N SER C 32 -7.23 -3.47 -0.63
CA SER C 32 -8.21 -4.42 -0.12
C SER C 32 -9.08 -3.76 0.93
N GLU C 33 -8.44 -3.13 1.92
CA GLU C 33 -9.17 -2.46 2.98
C GLU C 33 -10.12 -1.41 2.41
N LEU C 34 -9.68 -0.66 1.39
CA LEU C 34 -10.55 0.35 0.80
C LEU C 34 -11.75 -0.31 0.10
N GLU C 35 -11.53 -1.50 -0.46
CA GLU C 35 -12.63 -2.23 -1.13
C GLU C 35 -13.67 -2.70 -0.10
N ILE C 36 -13.21 -3.16 1.05
CA ILE C 36 -14.12 -3.61 2.10
C ILE C 36 -14.89 -2.39 2.61
N LEU C 37 -14.19 -1.26 2.74
CA LEU C 37 -14.82 -0.02 3.19
C LEU C 37 -15.94 0.37 2.23
N GLU C 38 -15.67 0.28 0.93
CA GLU C 38 -16.70 0.59 -0.07
C GLU C 38 -17.92 -0.31 0.08
N LYS C 39 -17.69 -1.58 0.36
CA LYS C 39 -18.82 -2.49 0.50
C LYS C 39 -19.69 -2.15 1.70
N THR C 40 -19.05 -1.83 2.83
CA THR C 40 -19.80 -1.48 4.04
C THR C 40 -20.65 -0.23 3.84
N LEU C 41 -20.07 0.82 3.27
CA LEU C 41 -20.84 2.05 3.05
C LEU C 41 -22.01 1.81 2.09
N SER C 42 -21.78 1.01 1.05
CA SER C 42 -22.83 0.67 0.10
C SER C 42 -23.91 -0.12 0.86
N ASP C 43 -23.48 -1.15 1.58
CA ASP C 43 -24.39 -2.01 2.35
C ASP C 43 -25.28 -1.30 3.35
N ILE C 44 -24.85 -0.15 3.88
CA ILE C 44 -25.71 0.52 4.86
C ILE C 44 -26.64 1.60 4.30
N GLN C 45 -26.48 1.96 3.02
CA GLN C 45 -27.37 3.00 2.46
C GLN C 45 -28.84 2.61 2.60
N GLY C 46 -29.64 3.54 3.09
CA GLY C 46 -31.05 3.28 3.29
C GLY C 46 -31.35 2.45 4.54
N LYS C 47 -30.38 2.25 5.43
CA LYS C 47 -30.62 1.44 6.61
C LYS C 47 -30.70 2.15 7.96
N ASP C 48 -31.03 3.43 7.97
CA ASP C 48 -31.18 4.15 9.22
C ASP C 48 -32.14 3.30 10.07
N GLY C 49 -31.81 3.10 11.33
CA GLY C 49 -32.70 2.33 12.18
C GLY C 49 -32.47 0.82 12.15
N SER C 50 -31.67 0.33 11.22
CA SER C 50 -31.45 -1.12 11.19
C SER C 50 -30.46 -1.48 12.28
N GLU C 51 -30.63 -2.66 12.87
CA GLU C 51 -29.72 -3.10 13.91
C GLU C 51 -28.43 -3.59 13.27
N THR C 52 -27.34 -3.53 14.03
CA THR C 52 -26.05 -3.96 13.54
C THR C 52 -25.37 -4.58 14.75
N LEU C 53 -24.37 -5.43 14.51
CA LEU C 53 -23.62 -6.07 15.58
C LEU C 53 -22.20 -5.62 15.35
N VAL C 54 -21.57 -5.08 16.38
CA VAL C 54 -20.21 -4.63 16.25
C VAL C 54 -19.26 -5.54 17.00
N PRO C 55 -18.28 -6.08 16.29
CA PRO C 55 -17.28 -6.99 16.90
C PRO C 55 -16.49 -6.15 17.88
N VAL C 56 -16.35 -6.60 19.12
CA VAL C 56 -15.60 -5.84 20.11
C VAL C 56 -14.41 -6.60 20.65
N GLY C 57 -14.13 -7.75 20.04
CA GLY C 57 -12.98 -8.53 20.46
C GLY C 57 -13.27 -9.96 20.91
N ALA C 58 -12.31 -10.83 20.62
CA ALA C 58 -12.39 -12.24 20.97
C ALA C 58 -13.75 -12.88 20.69
N GLY C 59 -14.28 -12.67 19.48
CA GLY C 59 -15.54 -13.29 19.13
C GLY C 59 -16.79 -12.73 19.79
N SER C 60 -16.70 -11.55 20.38
CA SER C 60 -17.86 -10.95 21.04
C SER C 60 -18.41 -9.76 20.25
N PHE C 61 -19.71 -9.59 20.28
CA PHE C 61 -20.39 -8.52 19.53
C PHE C 61 -21.45 -7.79 20.37
N ILE C 62 -21.57 -6.48 20.19
CA ILE C 62 -22.60 -5.74 20.90
C ILE C 62 -23.55 -5.18 19.87
N LYS C 63 -24.74 -4.78 20.37
CA LYS C 63 -25.83 -4.23 19.55
C LYS C 63 -25.82 -2.72 19.42
N ALA C 64 -26.27 -2.24 18.27
CA ALA C 64 -26.39 -0.82 18.01
C ALA C 64 -27.37 -0.67 16.86
N GLU C 65 -27.88 0.54 16.68
CA GLU C 65 -28.81 0.85 15.60
C GLU C 65 -28.11 1.86 14.70
N LEU C 66 -28.03 1.57 13.41
CA LEU C 66 -27.37 2.49 12.47
C LEU C 66 -28.03 3.87 12.48
N LYS C 67 -27.24 4.91 12.32
CA LYS C 67 -27.77 6.28 12.35
C LYS C 67 -27.10 7.14 11.27
N ASP C 68 -27.90 7.96 10.59
CA ASP C 68 -27.41 8.85 9.51
C ASP C 68 -26.46 8.08 8.59
N THR C 69 -26.94 6.95 8.09
CA THR C 69 -26.17 6.08 7.22
C THR C 69 -25.65 6.69 5.92
N SER C 70 -26.20 7.83 5.52
CA SER C 70 -25.70 8.45 4.29
C SER C 70 -24.48 9.31 4.60
N GLU C 71 -24.06 9.32 5.86
CA GLU C 71 -22.88 10.10 6.24
C GLU C 71 -21.80 9.25 6.87
N VAL C 72 -20.55 9.61 6.58
CA VAL C 72 -19.38 8.92 7.09
C VAL C 72 -18.27 9.92 7.43
N ILE C 73 -17.70 9.78 8.64
CA ILE C 73 -16.62 10.63 9.09
C ILE C 73 -15.34 10.03 8.54
N MET C 74 -14.64 10.82 7.72
CA MET C 74 -13.41 10.34 7.11
C MET C 74 -12.16 11.12 7.47
N SER C 75 -11.10 10.39 7.77
CA SER C 75 -9.82 10.96 8.15
C SER C 75 -9.09 11.56 6.92
N VAL C 76 -8.65 12.82 7.01
CA VAL C 76 -7.93 13.44 5.89
C VAL C 76 -6.46 13.79 6.20
N GLY C 77 -5.94 13.29 7.30
CA GLY C 77 -4.56 13.56 7.65
C GLY C 77 -4.41 14.66 8.69
N ALA C 78 -3.20 14.73 9.27
CA ALA C 78 -2.86 15.74 10.27
C ALA C 78 -3.84 15.87 11.43
N GLY C 79 -4.41 14.75 11.89
CA GLY C 79 -5.34 14.81 13.01
C GLY C 79 -6.74 15.34 12.70
N VAL C 80 -7.08 15.46 11.43
CA VAL C 80 -8.37 15.99 11.03
C VAL C 80 -9.27 14.97 10.35
N ALA C 81 -10.55 15.05 10.65
CA ALA C 81 -11.53 14.16 10.04
C ALA C 81 -12.69 15.04 9.57
N ILE C 82 -13.31 14.66 8.47
CA ILE C 82 -14.41 15.43 7.92
C ILE C 82 -15.61 14.55 7.64
N LYS C 83 -16.81 14.97 8.04
CA LYS C 83 -18.01 14.18 7.75
C LYS C 83 -18.43 14.43 6.28
N LYS C 84 -18.57 13.36 5.51
CA LYS C 84 -18.94 13.45 4.09
C LYS C 84 -20.13 12.56 3.74
N ASN C 85 -20.89 12.96 2.72
CA ASN C 85 -22.03 12.14 2.32
C ASN C 85 -21.54 10.97 1.50
N PHE C 86 -22.46 10.04 1.25
CA PHE C 86 -22.15 8.83 0.51
C PHE C 86 -21.42 9.03 -0.81
N GLU C 87 -21.97 9.85 -1.71
CA GLU C 87 -21.30 10.05 -3.00
C GLU C 87 -19.90 10.61 -2.87
N ASP C 88 -19.74 11.62 -2.03
CA ASP C 88 -18.41 12.21 -1.86
C ASP C 88 -17.45 11.17 -1.32
N ALA C 89 -17.87 10.43 -0.30
CA ALA C 89 -17.04 9.39 0.29
C ALA C 89 -16.61 8.34 -0.74
N MET C 90 -17.55 7.81 -1.50
CA MET C 90 -17.21 6.79 -2.51
C MET C 90 -16.26 7.38 -3.56
N GLU C 91 -16.46 8.66 -3.86
CA GLU C 91 -15.62 9.34 -4.83
C GLU C 91 -14.16 9.41 -4.29
N SER C 92 -13.98 9.79 -3.02
CA SER C 92 -12.62 9.83 -2.48
C SER C 92 -11.99 8.46 -2.48
N ILE C 93 -12.78 7.45 -2.12
CA ILE C 93 -12.24 6.10 -2.07
C ILE C 93 -11.75 5.64 -3.44
N LYS C 94 -12.56 5.86 -4.47
CA LYS C 94 -12.15 5.46 -5.81
C LYS C 94 -10.89 6.21 -6.23
N SER C 95 -10.81 7.50 -5.89
CA SER C 95 -9.61 8.30 -6.22
C SER C 95 -8.39 7.67 -5.56
N GLN C 96 -8.50 7.34 -4.28
CA GLN C 96 -7.36 6.73 -3.60
C GLN C 96 -7.01 5.39 -4.21
N LYS C 97 -8.02 4.58 -4.52
CA LYS C 97 -7.73 3.26 -5.11
C LYS C 97 -6.98 3.46 -6.42
N ASN C 98 -7.49 4.38 -7.24
CA ASN C 98 -6.85 4.67 -8.52
C ASN C 98 -5.40 5.08 -8.29
N GLU C 99 -5.19 6.00 -7.36
CA GLU C 99 -3.84 6.45 -7.07
C GLU C 99 -2.97 5.27 -6.69
N LEU C 100 -3.45 4.44 -5.76
CA LEU C 100 -2.66 3.28 -5.33
C LEU C 100 -2.47 2.30 -6.50
N GLU C 101 -3.49 2.14 -7.34
CA GLU C 101 -3.33 1.24 -8.49
C GLU C 101 -2.20 1.80 -9.34
N SER C 102 -2.29 3.09 -9.65
CA SER C 102 -1.28 3.77 -10.45
C SER C 102 0.11 3.54 -9.85
N THR C 103 0.19 3.65 -8.53
CA THR C 103 1.44 3.44 -7.80
C THR C 103 1.90 1.99 -7.98
N LEU C 104 0.94 1.08 -8.08
CA LEU C 104 1.24 -0.33 -8.24
C LEU C 104 1.78 -0.54 -9.67
N GLN C 105 1.19 0.15 -10.64
CA GLN C 105 1.62 0.05 -12.04
C GLN C 105 3.10 0.45 -12.09
N LYS C 106 3.42 1.60 -11.50
CA LYS C 106 4.79 2.08 -11.48
C LYS C 106 5.77 1.12 -10.78
N MET C 107 5.41 0.63 -9.59
CA MET C 107 6.28 -0.30 -8.88
C MET C 107 6.57 -1.53 -9.73
N GLY C 108 5.59 -1.91 -10.56
CA GLY C 108 5.74 -3.07 -11.41
C GLY C 108 6.90 -2.89 -12.38
N GLU C 109 6.97 -1.71 -13.00
CA GLU C 109 8.05 -1.40 -13.93
C GLU C 109 9.40 -1.52 -13.23
N ASN C 110 9.59 -0.78 -12.14
CA ASN C 110 10.84 -0.83 -11.41
C ASN C 110 11.31 -2.27 -11.21
N LEU C 111 10.40 -3.15 -10.82
CA LEU C 111 10.74 -4.55 -10.59
C LEU C 111 11.16 -5.27 -11.86
N ARG C 112 10.57 -4.85 -12.99
CA ARG C 112 10.88 -5.44 -14.29
C ARG C 112 12.34 -5.19 -14.63
N ALA C 113 12.70 -3.92 -14.75
CA ALA C 113 14.06 -3.53 -15.08
C ALA C 113 15.05 -4.35 -14.29
N ILE C 114 14.92 -4.34 -12.97
CA ILE C 114 15.83 -5.08 -12.11
C ILE C 114 15.92 -6.55 -12.52
N THR C 115 14.77 -7.21 -12.67
CA THR C 115 14.76 -8.61 -13.05
C THR C 115 15.44 -8.78 -14.41
N ASP C 116 15.26 -7.79 -15.29
CA ASP C 116 15.84 -7.82 -16.64
C ASP C 116 17.36 -7.76 -16.62
N ILE C 117 17.93 -6.75 -15.96
CA ILE C 117 19.38 -6.63 -15.90
C ILE C 117 20.02 -7.83 -15.22
N MET C 118 19.30 -8.45 -14.28
CA MET C 118 19.86 -9.62 -13.61
C MET C 118 20.06 -10.72 -14.65
N MET C 119 19.14 -10.78 -15.61
CA MET C 119 19.18 -11.77 -16.68
C MET C 119 20.41 -11.66 -17.57
N LYS C 120 20.93 -10.45 -17.72
CA LYS C 120 22.10 -10.24 -18.55
C LYS C 120 23.42 -10.42 -17.81
N LEU C 121 23.36 -10.42 -16.47
CA LEU C 121 24.57 -10.58 -15.67
C LEU C 121 24.86 -12.05 -15.34
N SER C 122 23.80 -12.85 -15.26
CA SER C 122 23.95 -14.26 -14.95
C SER C 122 24.72 -15.05 -16.02
N PRO C 123 24.43 -14.79 -17.31
CA PRO C 123 25.14 -15.51 -18.38
C PRO C 123 26.64 -15.30 -18.29
N GLN C 124 27.03 -14.19 -17.67
CA GLN C 124 28.44 -13.85 -17.52
C GLN C 124 29.04 -14.55 -16.32
N ALA C 125 28.33 -14.53 -15.19
CA ALA C 125 28.80 -15.17 -13.97
C ALA C 125 28.90 -16.69 -14.15
N GLU C 126 28.11 -17.24 -15.07
CA GLU C 126 28.13 -18.66 -15.33
C GLU C 126 29.34 -19.08 -16.18
N GLU C 127 29.76 -18.21 -17.10
CA GLU C 127 30.89 -18.51 -17.94
C GLU C 127 32.21 -18.18 -17.27
N LEU C 128 32.17 -17.32 -16.25
CA LEU C 128 33.38 -16.98 -15.53
C LEU C 128 33.65 -18.15 -14.58
N LEU C 129 32.58 -18.72 -14.04
CA LEU C 129 32.67 -19.86 -13.13
C LEU C 129 33.27 -21.06 -13.85
N ALA C 130 32.91 -21.24 -15.12
CA ALA C 130 33.41 -22.34 -15.92
C ALA C 130 34.92 -22.18 -16.16
N ALA C 131 35.39 -20.94 -16.09
CA ALA C 131 36.81 -20.65 -16.30
C ALA C 131 37.62 -20.99 -15.05
N VAL C 132 37.15 -20.53 -13.89
CA VAL C 132 37.85 -20.77 -12.63
C VAL C 132 37.97 -22.26 -12.29
N ALA C 133 37.10 -23.08 -12.86
CA ALA C 133 37.13 -24.51 -12.60
C ALA C 133 37.17 -25.32 -13.90
#